data_5MXT
#
_entry.id   5MXT
#
_cell.length_a   1.000
_cell.length_b   1.000
_cell.length_c   1.000
_cell.angle_alpha   90.00
_cell.angle_beta   90.00
_cell.angle_gamma   90.00
#
_symmetry.space_group_name_H-M   'P 1'
#
_entity_poly.entity_id   1
_entity_poly.type   'polypeptide(L)'
_entity_poly.pdbx_seq_one_letter_code
;WYHRLSHIHSRLQD(NH2)
;
_entity_poly.pdbx_strand_id   A
#
# COMPACT_ATOMS: atom_id res chain seq x y z
N TRP A 1 6.69 0.61 10.21
CA TRP A 1 7.44 1.74 9.60
C TRP A 1 6.77 2.14 8.28
N TYR A 2 7.25 3.23 7.67
CA TYR A 2 6.66 3.83 6.48
C TYR A 2 6.38 2.92 5.27
N HIS A 3 6.99 1.74 5.21
CA HIS A 3 6.81 0.83 4.08
C HIS A 3 5.37 0.31 4.02
N ARG A 4 4.63 0.47 5.11
CA ARG A 4 3.24 0.02 5.19
C ARG A 4 2.33 0.81 4.26
N LEU A 5 2.81 1.93 3.72
CA LEU A 5 2.03 2.73 2.80
C LEU A 5 1.78 1.96 1.49
N SER A 6 2.69 1.05 1.13
CA SER A 6 2.56 0.28 -0.10
C SER A 6 1.36 -0.67 -0.04
N HIS A 7 0.85 -0.95 1.16
CA HIS A 7 -0.30 -1.82 1.34
C HIS A 7 -1.58 -1.10 0.91
N ILE A 8 -1.59 0.23 1.01
CA ILE A 8 -2.76 1.02 0.66
C ILE A 8 -2.87 1.17 -0.85
N HIS A 9 -1.72 1.23 -1.55
CA HIS A 9 -1.70 1.31 -3.00
C HIS A 9 -1.99 -0.03 -3.65
N SER A 10 -1.56 -1.13 -3.02
CA SER A 10 -1.80 -2.47 -3.57
C SER A 10 -3.27 -2.86 -3.44
N ARG A 11 -3.98 -2.26 -2.48
CA ARG A 11 -5.40 -2.55 -2.27
C ARG A 11 -6.23 -2.10 -3.47
N LEU A 12 -5.76 -1.06 -4.17
CA LEU A 12 -6.41 -0.54 -5.36
C LEU A 12 -5.84 -1.21 -6.61
N GLN A 13 -4.55 -1.55 -6.58
CA GLN A 13 -3.87 -2.09 -7.75
C GLN A 13 -4.24 -3.54 -8.03
N ASP A 14 -4.39 -4.37 -6.98
CA ASP A 14 -4.75 -5.76 -7.14
C ASP A 14 -5.53 -6.37 -5.96
N TRP A 1 6.68 0.95 10.19
CA TRP A 1 7.25 2.18 9.62
C TRP A 1 6.59 2.48 8.28
N TYR A 2 6.88 3.64 7.69
CA TYR A 2 6.25 4.14 6.48
C TYR A 2 6.16 3.22 5.25
N HIS A 3 6.98 2.16 5.20
CA HIS A 3 6.97 1.23 4.07
C HIS A 3 5.62 0.55 3.91
N ARG A 4 4.82 0.52 4.98
CA ARG A 4 3.52 -0.14 4.97
C ARG A 4 2.48 0.67 4.19
N LEU A 5 2.82 1.87 3.73
CA LEU A 5 1.91 2.66 2.91
C LEU A 5 1.63 1.92 1.60
N SER A 6 2.58 1.08 1.16
CA SER A 6 2.44 0.31 -0.06
C SER A 6 1.29 -0.69 0.05
N HIS A 7 0.81 -0.95 1.27
CA HIS A 7 -0.32 -1.85 1.48
C HIS A 7 -1.61 -1.22 0.99
N ILE A 8 -1.70 0.12 1.06
CA ILE A 8 -2.90 0.83 0.65
C ILE A 8 -2.96 0.88 -0.88
N HIS A 9 -1.81 1.07 -1.53
CA HIS A 9 -1.73 1.10 -2.98
C HIS A 9 -1.93 -0.29 -3.57
N SER A 10 -1.66 -1.35 -2.78
CA SER A 10 -1.86 -2.72 -3.24
C SER A 10 -3.34 -3.04 -3.36
N ARG A 11 -4.19 -2.37 -2.57
CA ARG A 11 -5.63 -2.57 -2.63
C ARG A 11 -6.22 -1.79 -3.82
N LEU A 12 -5.53 -0.75 -4.27
CA LEU A 12 -5.94 0.01 -5.45
C LEU A 12 -5.51 -0.73 -6.72
N GLN A 13 -4.42 -1.49 -6.63
CA GLN A 13 -3.90 -2.28 -7.73
C GLN A 13 -4.69 -3.58 -7.90
N ASP A 14 -5.33 -4.05 -6.84
CA ASP A 14 -6.14 -5.26 -6.88
C ASP A 14 -7.41 -5.10 -7.73
N TRP A 1 4.28 5.49 7.40
CA TRP A 1 5.46 5.68 6.53
C TRP A 1 5.48 4.58 5.46
N TYR A 2 6.45 4.63 4.55
CA TYR A 2 6.52 3.72 3.41
C TYR A 2 6.41 2.22 3.68
N HIS A 3 6.74 1.77 4.90
CA HIS A 3 6.70 0.36 5.24
C HIS A 3 5.28 -0.18 5.25
N ARG A 4 4.29 0.71 5.25
CA ARG A 4 2.87 0.35 5.22
C ARG A 4 2.09 1.15 4.18
N LEU A 5 2.59 2.31 3.76
CA LEU A 5 1.91 3.08 2.74
C LEU A 5 2.04 2.40 1.37
N SER A 6 3.16 1.71 1.15
CA SER A 6 3.38 0.97 -0.10
C SER A 6 2.48 -0.25 -0.17
N HIS A 7 1.87 -0.63 0.95
CA HIS A 7 0.95 -1.78 1.01
C HIS A 7 -0.46 -1.36 0.61
N ILE A 8 -0.86 -0.15 1.00
CA ILE A 8 -2.24 0.31 0.82
C ILE A 8 -2.61 0.46 -0.65
N HIS A 9 -1.63 0.70 -1.54
CA HIS A 9 -1.92 0.85 -2.96
C HIS A 9 -2.40 -0.47 -3.58
N SER A 10 -2.06 -1.61 -2.97
CA SER A 10 -2.45 -2.91 -3.51
C SER A 10 -3.95 -3.12 -3.41
N ARG A 11 -4.64 -2.29 -2.61
CA ARG A 11 -6.08 -2.36 -2.43
C ARG A 11 -6.85 -1.70 -3.57
N LEU A 12 -6.14 -1.02 -4.46
CA LEU A 12 -6.72 -0.38 -5.63
C LEU A 12 -6.04 -0.89 -6.91
N GLN A 13 -4.83 -1.43 -6.76
CA GLN A 13 -4.06 -1.97 -7.88
C GLN A 13 -4.39 -3.45 -8.12
N ASP A 14 -5.26 -4.03 -7.30
CA ASP A 14 -5.69 -5.42 -7.44
C ASP A 14 -6.64 -5.68 -8.61
N TRP A 1 6.59 3.10 8.67
CA TRP A 1 7.39 3.60 7.54
C TRP A 1 6.65 3.32 6.23
N TYR A 2 7.18 3.81 5.11
CA TYR A 2 6.55 3.74 3.80
C TYR A 2 6.06 2.38 3.30
N HIS A 3 6.53 1.27 3.89
CA HIS A 3 6.07 -0.05 3.48
C HIS A 3 4.59 -0.24 3.82
N ARG A 4 4.06 0.56 4.76
CA ARG A 4 2.64 0.54 5.07
C ARG A 4 1.82 1.30 4.04
N LEU A 5 2.42 2.29 3.39
CA LEU A 5 1.73 3.00 2.33
C LEU A 5 1.65 2.10 1.10
N SER A 6 2.75 1.39 0.81
CA SER A 6 2.79 0.42 -0.27
C SER A 6 1.76 -0.69 -0.04
N HIS A 7 1.35 -0.90 1.22
CA HIS A 7 0.34 -1.89 1.55
C HIS A 7 -1.05 -1.35 1.21
N ILE A 8 -1.28 -0.07 1.47
CA ILE A 8 -2.57 0.57 1.21
C ILE A 8 -2.79 0.71 -0.30
N HIS A 9 -1.77 1.16 -1.05
CA HIS A 9 -1.90 1.31 -2.48
C HIS A 9 -2.03 -0.04 -3.19
N SER A 10 -1.61 -1.13 -2.55
CA SER A 10 -1.73 -2.45 -3.15
C SER A 10 -3.19 -2.86 -3.29
N ARG A 11 -4.07 -2.29 -2.44
CA ARG A 11 -5.50 -2.58 -2.50
C ARG A 11 -6.13 -1.91 -3.72
N LEU A 12 -5.51 -0.84 -4.22
CA LEU A 12 -5.97 -0.17 -5.43
C LEU A 12 -5.41 -0.86 -6.66
N GLN A 13 -4.21 -1.46 -6.52
CA GLN A 13 -3.57 -2.16 -7.62
C GLN A 13 -4.16 -3.56 -7.81
N ASP A 14 -4.63 -4.18 -6.71
CA ASP A 14 -5.31 -5.47 -6.77
C ASP A 14 -6.75 -5.42 -7.29
N TRP A 1 7.09 2.89 8.45
CA TRP A 1 7.86 3.27 7.26
C TRP A 1 7.01 3.03 6.00
N TYR A 2 7.52 3.43 4.83
CA TYR A 2 6.79 3.38 3.57
C TYR A 2 6.12 2.05 3.16
N HIS A 3 6.54 0.93 3.75
CA HIS A 3 5.95 -0.36 3.40
C HIS A 3 4.46 -0.39 3.79
N ARG A 4 4.05 0.48 4.72
CA ARG A 4 2.63 0.61 5.09
C ARG A 4 1.85 1.44 4.08
N LEU A 5 2.53 2.25 3.27
CA LEU A 5 1.85 3.00 2.22
C LEU A 5 1.69 2.10 1.01
N SER A 6 2.74 1.36 0.66
CA SER A 6 2.69 0.38 -0.41
C SER A 6 1.61 -0.65 -0.11
N HIS A 7 1.29 -0.87 1.17
CA HIS A 7 0.22 -1.77 1.58
C HIS A 7 -1.14 -1.19 1.21
N ILE A 8 -1.32 0.11 1.48
CA ILE A 8 -2.59 0.77 1.23
C ILE A 8 -2.85 0.90 -0.27
N HIS A 9 -1.84 1.27 -1.06
CA HIS A 9 -2.01 1.40 -2.51
C HIS A 9 -2.18 0.04 -3.18
N SER A 10 -1.65 -1.03 -2.59
CA SER A 10 -1.76 -2.36 -3.18
C SER A 10 -3.21 -2.83 -3.21
N ARG A 11 -4.05 -2.30 -2.31
CA ARG A 11 -5.47 -2.65 -2.26
C ARG A 11 -6.26 -2.07 -3.42
N LEU A 12 -5.61 -1.22 -4.23
CA LEU A 12 -6.20 -0.63 -5.42
C LEU A 12 -5.38 -1.01 -6.65
N GLN A 13 -4.13 -1.42 -6.45
CA GLN A 13 -3.23 -1.80 -7.52
C GLN A 13 -3.20 -3.31 -7.75
N ASP A 14 -3.85 -4.10 -6.88
CA ASP A 14 -3.95 -5.54 -7.05
C ASP A 14 -4.82 -5.98 -8.23
N TRP A 1 2.47 6.41 11.72
CA TRP A 1 2.70 6.63 10.27
C TRP A 1 2.80 5.30 9.53
N TYR A 2 2.10 5.19 8.40
CA TYR A 2 2.12 3.95 7.62
C TYR A 2 3.35 3.71 6.77
N HIS A 3 4.25 2.85 7.28
CA HIS A 3 5.44 2.45 6.56
C HIS A 3 5.14 1.38 5.50
N ARG A 4 4.01 0.71 5.64
CA ARG A 4 3.54 -0.28 4.68
C ARG A 4 2.77 0.38 3.53
N LEU A 5 3.13 1.62 3.17
CA LEU A 5 2.40 2.36 2.16
C LEU A 5 2.32 1.60 0.83
N SER A 6 3.30 0.73 0.54
CA SER A 6 3.30 -0.04 -0.69
C SER A 6 2.12 -1.01 -0.73
N HIS A 7 1.58 -1.35 0.44
CA HIS A 7 0.43 -2.25 0.55
C HIS A 7 -0.85 -1.52 0.18
N ILE A 8 -0.91 -0.22 0.48
CA ILE A 8 -2.12 0.57 0.24
C ILE A 8 -2.34 0.75 -1.26
N HIS A 9 -1.26 0.87 -2.04
CA HIS A 9 -1.38 0.97 -3.48
C HIS A 9 -1.82 -0.36 -4.08
N SER A 10 -1.54 -1.48 -3.41
CA SER A 10 -1.97 -2.79 -3.88
C SER A 10 -3.45 -3.00 -3.56
N ARG A 11 -3.93 -2.45 -2.44
CA ARG A 11 -5.34 -2.52 -2.08
C ARG A 11 -6.18 -1.63 -2.98
N LEU A 12 -5.55 -0.59 -3.55
CA LEU A 12 -6.20 0.27 -4.52
C LEU A 12 -6.25 -0.41 -5.90
N GLN A 13 -5.26 -1.25 -6.18
CA GLN A 13 -5.19 -1.98 -7.44
C GLN A 13 -6.13 -3.19 -7.41
N ASP A 14 -6.22 -3.86 -6.26
CA ASP A 14 -7.12 -4.99 -6.07
C ASP A 14 -8.59 -4.62 -5.91
N TRP A 1 4.59 2.40 10.47
CA TRP A 1 5.59 3.22 9.77
C TRP A 1 5.29 3.25 8.26
N TYR A 2 6.02 4.07 7.50
CA TYR A 2 5.78 4.30 6.08
C TYR A 2 5.68 3.08 5.16
N HIS A 3 6.15 1.91 5.58
CA HIS A 3 6.09 0.71 4.75
C HIS A 3 4.66 0.31 4.43
N ARG A 4 3.69 0.83 5.19
CA ARG A 4 2.28 0.57 4.97
C ARG A 4 1.75 1.19 3.68
N LEU A 5 2.48 2.13 3.07
CA LEU A 5 2.01 2.74 1.84
C LEU A 5 2.03 1.72 0.71
N SER A 6 3.02 0.83 0.72
CA SER A 6 3.13 -0.23 -0.26
C SER A 6 2.00 -1.25 -0.09
N HIS A 7 1.21 -1.14 0.99
CA HIS A 7 0.09 -2.03 1.23
C HIS A 7 -1.23 -1.38 0.81
N ILE A 8 -1.32 -0.06 0.96
CA ILE A 8 -2.52 0.68 0.61
C ILE A 8 -2.64 0.82 -0.91
N HIS A 9 -1.53 1.16 -1.58
CA HIS A 9 -1.55 1.33 -3.03
C HIS A 9 -1.69 0.01 -3.77
N SER A 10 -1.27 -1.11 -3.16
CA SER A 10 -1.42 -2.41 -3.79
C SER A 10 -2.84 -2.93 -3.61
N ARG A 11 -3.51 -2.55 -2.52
CA ARG A 11 -4.89 -2.92 -2.27
C ARG A 11 -5.82 -2.13 -3.19
N LEU A 12 -5.43 -0.91 -3.53
CA LEU A 12 -6.18 -0.07 -4.46
C LEU A 12 -6.00 -0.58 -5.89
N GLN A 13 -4.84 -1.21 -6.17
CA GLN A 13 -4.57 -1.75 -7.50
C GLN A 13 -5.29 -3.09 -7.69
N ASP A 14 -5.51 -3.83 -6.61
CA ASP A 14 -6.22 -5.10 -6.63
C ASP A 14 -7.74 -4.98 -6.75
N TRP A 1 5.78 6.70 11.28
CA TRP A 1 5.61 6.81 9.82
C TRP A 1 5.25 5.46 9.22
N TYR A 2 4.23 5.43 8.35
CA TYR A 2 3.81 4.19 7.74
C TYR A 2 4.65 3.69 6.57
N HIS A 3 5.51 2.71 6.87
CA HIS A 3 6.37 2.07 5.88
C HIS A 3 5.59 1.08 5.01
N ARG A 4 4.41 0.65 5.49
CA ARG A 4 3.53 -0.25 4.76
C ARG A 4 2.72 0.48 3.70
N LEU A 5 3.17 1.65 3.26
CA LEU A 5 2.41 2.45 2.30
C LEU A 5 2.13 1.67 1.01
N SER A 6 2.99 0.71 0.67
CA SER A 6 2.81 -0.09 -0.53
C SER A 6 1.59 -1.01 -0.42
N HIS A 7 1.09 -1.24 0.80
CA HIS A 7 -0.07 -2.07 1.03
C HIS A 7 -1.34 -1.32 0.66
N ILE A 8 -1.33 0.01 0.79
CA ILE A 8 -2.47 0.83 0.46
C ILE A 8 -2.63 0.94 -1.05
N HIS A 9 -1.51 1.03 -1.78
CA HIS A 9 -1.54 1.12 -3.24
C HIS A 9 -1.90 -0.21 -3.88
N SER A 10 -1.52 -1.33 -3.25
CA SER A 10 -1.83 -2.65 -3.79
C SER A 10 -3.31 -2.99 -3.58
N ARG A 11 -3.94 -2.39 -2.55
CA ARG A 11 -5.35 -2.60 -2.30
C ARG A 11 -6.20 -1.88 -3.36
N LEU A 12 -5.69 -0.74 -3.85
CA LEU A 12 -6.34 0.02 -4.90
C LEU A 12 -6.13 -0.67 -6.26
N GLN A 13 -5.00 -1.37 -6.40
CA GLN A 13 -4.68 -2.08 -7.64
C GLN A 13 -5.50 -3.35 -7.77
N ASP A 14 -5.90 -3.94 -6.63
CA ASP A 14 -6.72 -5.13 -6.59
C ASP A 14 -8.21 -4.88 -6.84
N TRP A 1 10.65 3.87 8.66
CA TRP A 1 9.96 4.21 7.42
C TRP A 1 8.70 3.39 7.24
N TYR A 2 7.59 4.03 6.89
CA TYR A 2 6.32 3.33 6.72
C TYR A 2 6.16 2.52 5.45
N HIS A 3 6.38 1.21 5.57
CA HIS A 3 6.23 0.26 4.48
C HIS A 3 4.76 -0.06 4.21
N ARG A 4 3.88 0.26 5.17
CA ARG A 4 2.44 0.08 5.02
C ARG A 4 1.83 1.04 4.01
N LEU A 5 2.57 2.05 3.55
CA LEU A 5 2.05 2.99 2.58
C LEU A 5 1.86 2.29 1.23
N SER A 6 2.84 1.49 0.81
CA SER A 6 2.77 0.77 -0.44
C SER A 6 1.71 -0.33 -0.39
N HIS A 7 1.28 -0.71 0.81
CA HIS A 7 0.26 -1.73 0.98
C HIS A 7 -1.10 -1.17 0.56
N ILE A 8 -1.34 0.12 0.80
CA ILE A 8 -2.59 0.76 0.47
C ILE A 8 -2.73 0.90 -1.05
N HIS A 9 -1.62 1.19 -1.74
CA HIS A 9 -1.63 1.26 -3.20
C HIS A 9 -1.80 -0.13 -3.80
N SER A 10 -1.32 -1.16 -3.10
CA SER A 10 -1.45 -2.53 -3.57
C SER A 10 -2.89 -3.02 -3.40
N ARG A 11 -3.59 -2.51 -2.38
CA ARG A 11 -5.00 -2.83 -2.17
C ARG A 11 -5.87 -2.14 -3.20
N LEU A 12 -5.46 -0.95 -3.65
CA LEU A 12 -6.16 -0.21 -4.69
C LEU A 12 -5.93 -0.85 -6.05
N GLN A 13 -4.76 -1.51 -6.23
CA GLN A 13 -4.42 -2.18 -7.47
C GLN A 13 -5.15 -3.52 -7.58
N ASP A 14 -5.46 -4.14 -6.44
CA ASP A 14 -6.20 -5.40 -6.39
C ASP A 14 -7.71 -5.25 -6.58
N TRP A 1 9.24 6.92 9.21
CA TRP A 1 8.57 6.94 7.91
C TRP A 1 7.86 5.63 7.64
N TYR A 2 6.60 5.69 7.21
CA TYR A 2 5.83 4.48 6.95
C TYR A 2 6.15 3.75 5.65
N HIS A 3 6.93 2.69 5.76
CA HIS A 3 7.31 1.84 4.63
C HIS A 3 6.18 0.90 4.22
N ARG A 4 5.23 0.65 5.13
CA ARG A 4 4.09 -0.21 4.86
C ARG A 4 2.99 0.52 4.08
N LEU A 5 3.28 1.71 3.57
CA LEU A 5 2.30 2.52 2.83
C LEU A 5 1.80 1.77 1.59
N SER A 6 2.62 0.87 1.04
CA SER A 6 2.24 0.11 -0.15
C SER A 6 1.08 -0.85 0.14
N HIS A 7 0.75 -1.06 1.42
CA HIS A 7 -0.37 -1.90 1.81
C HIS A 7 -1.69 -1.26 1.39
N ILE A 8 -1.73 0.06 1.28
CA ILE A 8 -2.95 0.77 0.90
C ILE A 8 -3.08 0.83 -0.63
N HIS A 9 -1.95 0.95 -1.33
CA HIS A 9 -1.95 1.06 -2.78
C HIS A 9 -2.21 -0.28 -3.45
N SER A 10 -1.94 -1.40 -2.77
CA SER A 10 -2.17 -2.72 -3.35
C SER A 10 -3.67 -2.97 -3.53
N ARG A 11 -4.51 -2.24 -2.79
CA ARG A 11 -5.96 -2.36 -2.91
C ARG A 11 -6.44 -1.68 -4.20
N LEU A 12 -5.70 -0.69 -4.68
CA LEU A 12 -6.02 0.00 -5.91
C LEU A 12 -5.51 -0.82 -7.11
N GLN A 13 -4.42 -1.56 -6.90
CA GLN A 13 -3.85 -2.40 -7.94
C GLN A 13 -4.67 -3.68 -8.12
N ASP A 14 -5.42 -4.08 -7.08
CA ASP A 14 -6.30 -5.24 -7.13
C ASP A 14 -7.62 -5.02 -7.87
N TRP A 1 11.62 5.37 7.35
CA TRP A 1 10.51 5.71 6.44
C TRP A 1 9.47 4.59 6.41
N TYR A 2 8.19 4.95 6.48
CA TYR A 2 7.13 3.95 6.45
C TYR A 2 6.80 3.35 5.10
N HIS A 3 7.31 2.14 4.85
CA HIS A 3 7.08 1.41 3.62
C HIS A 3 5.73 0.67 3.65
N ARG A 4 5.13 0.60 4.84
CA ARG A 4 3.86 -0.08 5.05
C ARG A 4 2.72 0.63 4.31
N LEU A 5 2.96 1.84 3.80
CA LEU A 5 1.97 2.58 3.04
C LEU A 5 1.60 1.84 1.75
N SER A 6 2.52 1.01 1.26
CA SER A 6 2.29 0.25 0.03
C SER A 6 1.11 -0.71 0.17
N HIS A 7 0.73 -1.05 1.41
CA HIS A 7 -0.40 -1.93 1.67
C HIS A 7 -1.70 -1.26 1.24
N ILE A 8 -1.76 0.07 1.32
CA ILE A 8 -2.95 0.82 0.96
C ILE A 8 -3.08 0.90 -0.56
N HIS A 9 -1.96 1.08 -1.26
CA HIS A 9 -1.95 1.16 -2.71
C HIS A 9 -2.16 -0.21 -3.34
N SER A 10 -1.92 -1.30 -2.58
CA SER A 10 -2.12 -2.65 -3.08
C SER A 10 -3.61 -2.94 -3.32
N ARG A 11 -4.49 -2.16 -2.68
CA ARG A 11 -5.93 -2.30 -2.86
C ARG A 11 -6.37 -1.70 -4.19
N LEU A 12 -5.62 -0.71 -4.69
CA LEU A 12 -5.90 -0.09 -5.98
C LEU A 12 -5.26 -0.90 -7.10
N GLN A 13 -4.16 -1.61 -6.78
CA GLN A 13 -3.46 -2.46 -7.74
C GLN A 13 -4.21 -3.76 -7.99
N ASP A 14 -5.09 -4.16 -7.06
CA ASP A 14 -5.86 -5.37 -7.21
C ASP A 14 -6.91 -5.28 -8.32
N TRP A 1 5.82 2.53 9.80
CA TRP A 1 6.86 3.09 8.92
C TRP A 1 6.36 3.13 7.47
N TYR A 2 7.15 3.71 6.57
CA TYR A 2 6.78 3.93 5.17
C TYR A 2 6.24 2.73 4.38
N HIS A 3 6.51 1.50 4.81
CA HIS A 3 6.06 0.32 4.09
C HIS A 3 4.54 0.20 4.10
N ARG A 4 3.87 0.93 4.99
CA ARG A 4 2.42 0.93 5.08
C ARG A 4 1.75 1.55 3.87
N LEU A 5 2.49 2.35 3.08
CA LEU A 5 1.92 2.95 1.88
C LEU A 5 1.79 1.88 0.79
N SER A 6 2.84 1.10 0.59
CA SER A 6 2.81 0.02 -0.40
C SER A 6 1.72 -1.00 -0.07
N HIS A 7 1.34 -1.08 1.21
CA HIS A 7 0.29 -1.98 1.66
C HIS A 7 -1.08 -1.51 1.18
N ILE A 8 -1.35 -0.21 1.32
CA ILE A 8 -2.64 0.35 0.94
C ILE A 8 -2.74 0.48 -0.59
N HIS A 9 -1.65 0.90 -1.24
CA HIS A 9 -1.63 1.06 -2.69
C HIS A 9 -1.75 -0.28 -3.42
N SER A 10 -1.41 -1.39 -2.75
CA SER A 10 -1.58 -2.71 -3.36
C SER A 10 -3.06 -3.07 -3.46
N ARG A 11 -3.87 -2.59 -2.53
CA ARG A 11 -5.31 -2.83 -2.55
C ARG A 11 -6.01 -1.90 -3.55
N LEU A 12 -5.40 -0.76 -3.84
CA LEU A 12 -5.90 0.16 -4.85
C LEU A 12 -5.58 -0.38 -6.24
N GLN A 13 -4.46 -1.11 -6.36
CA GLN A 13 -4.06 -1.71 -7.62
C GLN A 13 -4.88 -2.98 -7.90
N ASP A 14 -5.38 -3.63 -6.86
CA ASP A 14 -6.20 -4.83 -7.00
C ASP A 14 -7.61 -4.44 -7.43
N TRP A 1 7.28 0.06 10.28
CA TRP A 1 7.93 1.29 9.79
C TRP A 1 7.19 1.83 8.57
N TYR A 2 7.57 3.02 8.09
CA TYR A 2 6.89 3.72 7.02
C TYR A 2 6.60 2.98 5.70
N HIS A 3 7.26 1.85 5.45
CA HIS A 3 7.08 1.12 4.21
C HIS A 3 5.67 0.55 4.11
N ARG A 4 4.96 0.53 5.23
CA ARG A 4 3.60 0.00 5.32
C ARG A 4 2.64 0.81 4.45
N LEU A 5 3.04 2.02 4.03
CA LEU A 5 2.19 2.85 3.19
C LEU A 5 2.01 2.21 1.82
N SER A 6 2.98 1.41 1.37
CA SER A 6 2.91 0.76 0.07
C SER A 6 1.84 -0.33 0.04
N HIS A 7 1.34 -0.74 1.21
CA HIS A 7 0.29 -1.76 1.31
C HIS A 7 -1.05 -1.20 0.86
N ILE A 8 -1.27 0.10 1.08
CA ILE A 8 -2.55 0.73 0.84
C ILE A 8 -2.89 0.73 -0.65
N HIS A 9 -1.87 0.79 -1.51
CA HIS A 9 -2.06 0.83 -2.95
C HIS A 9 -2.52 -0.52 -3.50
N SER A 10 -2.29 -1.60 -2.76
CA SER A 10 -2.65 -2.94 -3.24
C SER A 10 -4.16 -3.10 -3.32
N ARG A 11 -4.91 -2.18 -2.69
CA ARG A 11 -6.37 -2.21 -2.68
C ARG A 11 -6.96 -1.72 -3.98
N LEU A 12 -6.14 -1.08 -4.83
CA LEU A 12 -6.58 -0.58 -6.12
C LEU A 12 -5.67 -1.10 -7.24
N GLN A 13 -4.46 -1.54 -6.87
CA GLN A 13 -3.50 -2.06 -7.84
C GLN A 13 -3.89 -3.45 -8.31
N ASP A 14 -4.82 -4.11 -7.60
CA ASP A 14 -5.31 -5.44 -7.96
C ASP A 14 -6.25 -5.45 -9.17
N TRP A 1 11.39 5.00 7.76
CA TRP A 1 10.38 5.37 6.76
C TRP A 1 9.28 4.32 6.69
N TYR A 2 8.01 4.76 6.67
CA TYR A 2 6.90 3.83 6.61
C TYR A 2 6.63 3.18 5.26
N HIS A 3 7.09 1.92 5.12
CA HIS A 3 6.91 1.14 3.92
C HIS A 3 5.53 0.49 3.88
N ARG A 4 4.83 0.51 5.02
CA ARG A 4 3.50 -0.08 5.17
C ARG A 4 2.48 0.65 4.30
N LEU A 5 2.84 1.83 3.78
CA LEU A 5 1.95 2.60 2.92
C LEU A 5 1.64 1.84 1.64
N SER A 6 2.52 0.92 1.22
CA SER A 6 2.32 0.13 0.01
C SER A 6 1.09 -0.77 0.13
N HIS A 7 0.60 -1.01 1.34
CA HIS A 7 -0.58 -1.81 1.56
C HIS A 7 -1.82 -1.10 1.02
N ILE A 8 -1.79 0.24 1.01
CA ILE A 8 -2.92 1.03 0.55
C ILE A 8 -2.93 1.10 -0.98
N HIS A 9 -1.75 1.24 -1.60
CA HIS A 9 -1.66 1.35 -3.05
C HIS A 9 -1.87 -0.02 -3.71
N SER A 10 -1.43 -1.09 -3.07
CA SER A 10 -1.60 -2.43 -3.62
C SER A 10 -3.05 -2.89 -3.50
N ARG A 11 -3.82 -2.27 -2.60
CA ARG A 11 -5.25 -2.60 -2.46
C ARG A 11 -6.03 -2.04 -3.64
N LEU A 12 -5.60 -0.89 -4.17
CA LEU A 12 -6.21 -0.28 -5.34
C LEU A 12 -5.75 -1.01 -6.60
N GLN A 13 -4.55 -1.58 -6.56
CA GLN A 13 -3.99 -2.32 -7.70
C GLN A 13 -4.68 -3.67 -7.87
N ASP A 14 -5.27 -4.20 -6.79
CA ASP A 14 -5.99 -5.47 -6.83
C ASP A 14 -7.37 -5.25 -7.47
N TRP A 1 8.75 1.83 9.92
CA TRP A 1 8.51 3.25 9.64
C TRP A 1 8.09 3.48 8.19
N TYR A 2 6.90 4.07 8.02
CA TYR A 2 6.35 4.54 6.74
C TYR A 2 6.20 3.57 5.55
N HIS A 3 6.99 2.51 5.49
CA HIS A 3 7.00 1.60 4.34
C HIS A 3 5.68 0.84 4.24
N ARG A 4 4.89 0.86 5.32
CA ARG A 4 3.61 0.20 5.39
C ARG A 4 2.60 0.81 4.42
N LEU A 5 2.89 2.01 3.90
CA LEU A 5 2.01 2.67 2.94
C LEU A 5 1.95 1.86 1.65
N SER A 6 3.00 1.10 1.33
CA SER A 6 3.05 0.31 0.11
C SER A 6 1.97 -0.78 0.11
N HIS A 7 1.38 -1.07 1.27
CA HIS A 7 0.33 -2.06 1.37
C HIS A 7 -1.01 -1.49 0.91
N ILE A 8 -1.23 -0.20 1.15
CA ILE A 8 -2.53 0.42 0.90
C ILE A 8 -2.80 0.54 -0.61
N HIS A 9 -1.76 0.71 -1.43
CA HIS A 9 -1.93 0.83 -2.87
C HIS A 9 -2.36 -0.49 -3.51
N SER A 10 -2.18 -1.62 -2.81
CA SER A 10 -2.56 -2.92 -3.37
C SER A 10 -4.08 -3.01 -3.52
N ARG A 11 -4.82 -2.17 -2.78
CA ARG A 11 -6.27 -2.15 -2.85
C ARG A 11 -6.76 -1.48 -4.12
N LEU A 12 -5.93 -0.62 -4.72
CA LEU A 12 -6.24 0.06 -5.96
C LEU A 12 -5.73 -0.79 -7.13
N GLN A 13 -4.60 -1.46 -6.93
CA GLN A 13 -3.95 -2.26 -7.97
C GLN A 13 -4.61 -3.63 -8.15
N ASP A 14 -5.39 -4.07 -7.17
CA ASP A 14 -6.08 -5.36 -7.25
C ASP A 14 -7.33 -5.40 -6.36
N TRP A 1 5.32 2.83 10.11
CA TRP A 1 6.33 3.51 9.28
C TRP A 1 5.94 3.44 7.80
N TYR A 2 6.69 4.14 6.94
CA TYR A 2 6.38 4.28 5.52
C TYR A 2 6.11 3.01 4.70
N HIS A 3 6.54 1.83 5.19
CA HIS A 3 6.32 0.59 4.46
C HIS A 3 4.84 0.29 4.28
N ARG A 4 3.98 0.93 5.08
CA ARG A 4 2.53 0.78 4.97
C ARG A 4 1.97 1.34 3.67
N LEU A 5 2.74 2.15 2.93
CA LEU A 5 2.24 2.70 1.69
C LEU A 5 2.10 1.59 0.65
N SER A 6 3.02 0.61 0.67
CA SER A 6 2.95 -0.52 -0.23
C SER A 6 1.70 -1.37 0.04
N HIS A 7 1.08 -1.18 1.21
CA HIS A 7 -0.13 -1.90 1.57
C HIS A 7 -1.37 -1.16 1.07
N ILE A 8 -1.36 0.18 1.18
CA ILE A 8 -2.50 1.01 0.80
C ILE A 8 -2.69 1.00 -0.71
N HIS A 9 -1.58 1.12 -1.47
CA HIS A 9 -1.67 1.11 -2.93
C HIS A 9 -2.02 -0.27 -3.45
N SER A 10 -1.54 -1.33 -2.80
CA SER A 10 -1.81 -2.70 -3.22
C SER A 10 -3.28 -3.07 -3.00
N ARG A 11 -4.01 -2.27 -2.22
CA ARG A 11 -5.39 -2.52 -1.87
C ARG A 11 -6.32 -2.34 -3.06
N LEU A 12 -5.88 -1.63 -4.10
CA LEU A 12 -6.71 -1.34 -5.26
C LEU A 12 -5.88 -1.30 -6.54
N GLN A 13 -4.66 -0.75 -6.48
CA GLN A 13 -3.88 -0.55 -7.70
C GLN A 13 -3.32 -1.86 -8.26
N ASP A 14 -3.36 -2.94 -7.47
CA ASP A 14 -2.92 -4.26 -7.92
C ASP A 14 -3.96 -5.00 -8.77
N TRP A 1 9.16 3.48 11.11
CA TRP A 1 9.33 4.35 9.93
C TRP A 1 8.30 3.96 8.86
N TYR A 2 7.86 4.94 8.06
CA TYR A 2 6.86 4.68 7.03
C TYR A 2 7.32 3.92 5.80
N HIS A 3 6.97 2.63 5.75
CA HIS A 3 7.26 1.76 4.61
C HIS A 3 6.03 0.91 4.27
N ARG A 4 5.09 0.86 5.22
CA ARG A 4 3.90 0.03 5.15
C ARG A 4 2.82 0.66 4.28
N LEU A 5 3.03 1.91 3.84
CA LEU A 5 2.06 2.60 2.99
C LEU A 5 1.84 1.83 1.68
N SER A 6 2.84 1.07 1.23
CA SER A 6 2.75 0.31 -0.01
C SER A 6 1.66 -0.77 0.06
N HIS A 7 1.15 -1.06 1.26
CA HIS A 7 0.08 -2.03 1.44
C HIS A 7 -1.25 -1.44 1.00
N ILE A 8 -1.44 -0.13 1.19
CA ILE A 8 -2.70 0.52 0.89
C ILE A 8 -2.93 0.58 -0.61
N HIS A 9 -1.85 0.76 -1.38
CA HIS A 9 -1.93 0.85 -2.83
C HIS A 9 -2.27 -0.49 -3.48
N SER A 10 -2.17 -1.60 -2.74
CA SER A 10 -2.51 -2.90 -3.29
C SER A 10 -4.01 -3.01 -3.52
N ARG A 11 -4.80 -2.20 -2.80
CA ARG A 11 -6.26 -2.20 -2.95
C ARG A 11 -6.66 -1.49 -4.24
N LEU A 12 -5.81 -0.58 -4.73
CA LEU A 12 -6.04 0.11 -5.99
C LEU A 12 -5.53 -0.74 -7.15
N GLN A 13 -4.51 -1.56 -6.90
CA GLN A 13 -3.94 -2.44 -7.91
C GLN A 13 -4.87 -3.62 -8.19
N ASP A 14 -5.66 -4.02 -7.20
CA ASP A 14 -6.62 -5.10 -7.34
C ASP A 14 -7.91 -4.72 -8.09
N TRP A 1 7.06 7.95 9.78
CA TRP A 1 6.87 7.72 8.34
C TRP A 1 6.17 6.40 8.09
N TYR A 2 5.14 6.40 7.24
CA TYR A 2 4.41 5.18 6.93
C TYR A 2 5.08 4.20 5.98
N HIS A 3 5.69 3.17 6.55
CA HIS A 3 6.36 2.12 5.81
C HIS A 3 5.36 1.14 5.19
N ARG A 4 4.13 1.13 5.70
CA ARG A 4 3.06 0.28 5.19
C ARG A 4 2.40 0.85 3.93
N LEU A 5 3.00 1.89 3.34
CA LEU A 5 2.46 2.53 2.15
C LEU A 5 2.29 1.52 1.01
N SER A 6 3.16 0.51 0.94
CA SER A 6 3.12 -0.50 -0.11
C SER A 6 1.83 -1.31 -0.07
N HIS A 7 1.05 -1.20 1.01
CA HIS A 7 -0.21 -1.90 1.12
C HIS A 7 -1.28 -1.24 0.25
N ILE A 8 -1.21 0.08 0.11
CA ILE A 8 -2.21 0.83 -0.65
C ILE A 8 -2.07 0.54 -2.15
N HIS A 9 -0.83 0.29 -2.60
CA HIS A 9 -0.54 -0.01 -4.00
C HIS A 9 -1.10 -1.36 -4.44
N SER A 10 -1.76 -2.10 -3.53
CA SER A 10 -2.36 -3.39 -3.85
C SER A 10 -3.74 -3.57 -3.22
N ARG A 11 -4.16 -2.64 -2.36
CA ARG A 11 -5.46 -2.71 -1.70
C ARG A 11 -6.58 -2.30 -2.64
N LEU A 12 -6.28 -1.41 -3.60
CA LEU A 12 -7.27 -0.94 -4.56
C LEU A 12 -6.60 -0.50 -5.87
N GLN A 13 -5.33 -0.10 -5.82
CA GLN A 13 -4.60 0.33 -7.02
C GLN A 13 -4.33 -0.82 -7.96
N ASP A 14 -4.45 -2.07 -7.49
CA ASP A 14 -4.24 -3.25 -8.32
C ASP A 14 -5.29 -3.41 -9.42
N TRP A 1 5.42 2.12 10.90
CA TRP A 1 5.94 3.37 10.35
C TRP A 1 5.45 3.56 8.92
N TYR A 2 5.72 4.73 8.32
CA TYR A 2 5.22 5.12 7.01
C TYR A 2 5.40 4.14 5.84
N HIS A 3 6.30 3.17 5.94
CA HIS A 3 6.55 2.21 4.87
C HIS A 3 5.32 1.34 4.60
N ARG A 4 4.36 1.35 5.53
CA ARG A 4 3.14 0.58 5.42
C ARG A 4 2.28 1.07 4.26
N LEU A 5 2.58 2.24 3.69
CA LEU A 5 1.84 2.77 2.56
C LEU A 5 2.02 1.88 1.33
N SER A 6 3.13 1.13 1.25
CA SER A 6 3.40 0.24 0.13
C SER A 6 2.45 -0.96 0.12
N HIS A 7 1.69 -1.17 1.21
CA HIS A 7 0.73 -2.26 1.30
C HIS A 7 -0.61 -1.87 0.70
N ILE A 8 -0.87 -0.57 0.57
CA ILE A 8 -2.17 -0.07 0.14
C ILE A 8 -2.36 -0.27 -1.37
N HIS A 9 -1.28 -0.41 -2.14
CA HIS A 9 -1.37 -0.53 -3.59
C HIS A 9 -2.16 -1.77 -4.02
N SER A 10 -2.24 -2.81 -3.17
CA SER A 10 -2.96 -4.02 -3.53
C SER A 10 -4.47 -3.83 -3.38
N ARG A 11 -4.90 -2.64 -2.91
CA ARG A 11 -6.31 -2.29 -2.79
C ARG A 11 -6.62 -1.02 -3.59
N LEU A 12 -5.59 -0.21 -3.85
CA LEU A 12 -5.70 1.00 -4.66
C LEU A 12 -5.53 0.66 -6.15
N GLN A 13 -4.93 -0.48 -6.46
CA GLN A 13 -4.67 -0.90 -7.84
C GLN A 13 -5.00 -2.37 -8.06
N ASP A 14 -4.97 -3.18 -6.99
CA ASP A 14 -5.26 -4.60 -7.06
C ASP A 14 -4.40 -5.33 -8.11
N TRP A 1 3.67 2.55 11.21
CA TRP A 1 4.78 3.37 10.67
C TRP A 1 4.67 3.44 9.15
N TYR A 2 5.54 4.24 8.52
CA TYR A 2 5.50 4.52 7.08
C TYR A 2 5.46 3.34 6.11
N HIS A 3 5.82 2.13 6.55
CA HIS A 3 5.84 0.95 5.68
C HIS A 3 4.44 0.65 5.13
N ARG A 4 3.40 1.19 5.77
CA ARG A 4 2.03 1.03 5.32
C ARG A 4 1.76 1.73 3.99
N LEU A 5 2.68 2.59 3.54
CA LEU A 5 2.50 3.29 2.27
C LEU A 5 2.51 2.27 1.13
N SER A 6 3.44 1.31 1.19
CA SER A 6 3.58 0.29 0.15
C SER A 6 2.48 -0.78 0.29
N HIS A 7 1.72 -0.76 1.38
CA HIS A 7 0.66 -1.72 1.62
C HIS A 7 -0.60 -1.36 0.85
N ILE A 8 -0.75 -0.07 0.50
CA ILE A 8 -1.91 0.43 -0.20
C ILE A 8 -1.87 0.05 -1.68
N HIS A 9 -0.67 -0.15 -2.23
CA HIS A 9 -0.50 -0.54 -3.63
C HIS A 9 -1.03 -1.96 -3.84
N SER A 10 -1.51 -2.25 -5.05
CA SER A 10 -2.11 -3.52 -5.41
C SER A 10 -3.21 -3.95 -4.45
N ARG A 11 -3.85 -2.99 -3.78
CA ARG A 11 -4.98 -3.24 -2.89
C ARG A 11 -6.02 -2.13 -3.03
N LEU A 12 -5.56 -0.89 -3.28
CA LEU A 12 -6.45 0.23 -3.58
C LEU A 12 -6.86 0.22 -5.05
N GLN A 13 -6.10 -0.49 -5.90
CA GLN A 13 -6.37 -0.51 -7.33
C GLN A 13 -6.47 -1.93 -7.90
N ASP A 14 -6.32 -2.96 -7.06
CA ASP A 14 -6.47 -4.33 -7.50
C ASP A 14 -7.91 -4.68 -7.88
#